data_3IOD
#
_entry.id   3IOD
#
_cell.length_a   48.353
_cell.length_b   70.878
_cell.length_c   81.637
_cell.angle_alpha   90.00
_cell.angle_beta   99.74
_cell.angle_gamma   90.00
#
_symmetry.space_group_name_H-M   'P 1 21 1'
#
loop_
_entity.id
_entity.type
_entity.pdbx_description
1 polymer 'Pantothenate synthetase'
2 non-polymer (2R,3R,4S,5S)-2-(6-amino-9H-purin-9-yl)-5-{[(3-nitrobenzyl)disulfanyl]methyl}tetrahydrofuran-3,4-diol
3 non-polymer 'SULFATE ION'
4 non-polymer GLYCEROL
5 non-polymer ETHANOL
6 water water
#
_entity_poly.entity_id   1
_entity_poly.type   'polypeptide(L)'
_entity_poly.pdbx_seq_one_letter_code
;AMAIPAFHPGELNVYSAPGDVADVSRALRLTGRRVMLVPTMGALHEGHLALVRAAKRVPGSVVVVSIFVNPMQFGAGGDL
DAYPRTPDDDLAQLRAEGVEIAFTPTTAAMYPDGLRTTVQPGPLAAELEGGPRPTHFAGVLTVVLKLLQIVRPDRVFFGE
KDYQQLVLIRQLVADFNLDVAVVGVPTVREADGLAMSSRNRYLDPAQRAAAVALSAALTAAAHAATAGAQAALDAARAVL
DAAPGVAVDYLELRDIGLGPMPLNGSGRLLVAARLGTTRLLDNIAIEIGTFAGTDRPDGYR
;
_entity_poly.pdbx_strand_id   A,B
#
# COMPACT_ATOMS: atom_id res chain seq x y z
N PRO A 5 -25.47 -3.34 -5.47
CA PRO A 5 -25.49 -4.80 -5.44
C PRO A 5 -26.32 -5.35 -4.28
N ALA A 6 -27.09 -6.40 -4.55
CA ALA A 6 -27.88 -7.07 -3.53
C ALA A 6 -27.02 -7.95 -2.62
N PHE A 7 -27.42 -8.01 -1.35
CA PHE A 7 -26.84 -8.94 -0.37
C PHE A 7 -27.93 -9.70 0.37
N HIS A 8 -27.89 -11.02 0.26
CA HIS A 8 -28.83 -11.91 0.95
C HIS A 8 -28.18 -12.62 2.12
N PRO A 9 -28.52 -12.21 3.36
CA PRO A 9 -27.89 -12.85 4.52
C PRO A 9 -28.22 -14.32 4.62
N GLY A 10 -27.34 -15.08 5.25
CA GLY A 10 -27.52 -16.52 5.38
C GLY A 10 -27.44 -17.31 4.09
N GLU A 11 -27.02 -16.65 3.01
CA GLU A 11 -26.76 -17.28 1.72
C GLU A 11 -25.39 -16.86 1.20
N LEU A 12 -24.85 -17.61 0.25
CA LEU A 12 -23.59 -17.22 -0.41
C LEU A 12 -23.88 -16.23 -1.53
N ASN A 13 -23.24 -15.07 -1.40
CA ASN A 13 -23.36 -13.99 -2.36
C ASN A 13 -22.02 -13.90 -3.06
N VAL A 14 -22.03 -13.99 -4.39
CA VAL A 14 -20.77 -13.94 -5.15
C VAL A 14 -20.70 -12.62 -5.91
N TYR A 15 -19.64 -11.85 -5.66
CA TYR A 15 -19.38 -10.62 -6.41
C TYR A 15 -18.07 -10.70 -7.14
N SER A 16 -18.06 -10.23 -8.38
CA SER A 16 -16.81 -10.18 -9.14
C SER A 16 -16.23 -8.76 -9.15
N ALA A 17 -17.09 -7.76 -9.19
CA ALA A 17 -16.64 -6.37 -9.29
C ALA A 17 -16.08 -5.88 -7.95
N PRO A 18 -14.82 -5.36 -7.94
CA PRO A 18 -14.35 -4.81 -6.66
C PRO A 18 -15.33 -3.80 -6.04
N GLY A 19 -15.90 -2.92 -6.87
CA GLY A 19 -16.86 -1.92 -6.39
C GLY A 19 -18.05 -2.54 -5.68
N ASP A 20 -18.54 -3.67 -6.19
CA ASP A 20 -19.67 -4.34 -5.57
C ASP A 20 -19.33 -4.85 -4.17
N VAL A 21 -18.24 -5.59 -4.04
CA VAL A 21 -17.90 -6.14 -2.72
C VAL A 21 -17.51 -5.01 -1.75
N ALA A 22 -16.95 -3.93 -2.27
CA ALA A 22 -16.54 -2.80 -1.43
C ALA A 22 -17.81 -2.16 -0.85
N ASP A 23 -18.80 -1.98 -1.73
CA ASP A 23 -20.08 -1.37 -1.35
C ASP A 23 -20.82 -2.20 -0.32
N VAL A 24 -20.90 -3.50 -0.57
CA VAL A 24 -21.57 -4.42 0.33
C VAL A 24 -20.84 -4.51 1.65
N SER A 25 -19.51 -4.57 1.60
CA SER A 25 -18.73 -4.64 2.84
C SER A 25 -18.94 -3.39 3.69
N ARG A 26 -18.93 -2.22 3.05
CA ARG A 26 -19.09 -0.93 3.72
C ARG A 26 -20.46 -0.88 4.37
N ALA A 27 -21.48 -1.28 3.61
CA ALA A 27 -22.85 -1.29 4.10
C ALA A 27 -22.95 -2.19 5.32
N LEU A 28 -22.39 -3.40 5.24
CA LEU A 28 -22.44 -4.36 6.33
C LEU A 28 -21.72 -3.86 7.59
N ARG A 29 -20.60 -3.17 7.39
CA ARG A 29 -19.88 -2.65 8.53
C ARG A 29 -20.71 -1.54 9.19
N LEU A 30 -21.35 -0.72 8.37
CA LEU A 30 -22.15 0.39 8.88
C LEU A 30 -23.32 -0.12 9.73
N THR A 31 -23.86 -1.29 9.39
CA THR A 31 -24.94 -1.91 10.16
C THR A 31 -24.42 -2.74 11.35
N GLY A 32 -23.12 -2.64 11.63
CA GLY A 32 -22.53 -3.29 12.80
C GLY A 32 -21.89 -4.66 12.64
N ARG A 33 -21.98 -5.26 11.45
CA ARG A 33 -21.37 -6.56 11.21
C ARG A 33 -19.85 -6.37 11.14
N ARG A 34 -19.09 -7.29 11.72
CA ARG A 34 -17.64 -7.24 11.61
C ARG A 34 -17.17 -8.08 10.42
N VAL A 35 -16.45 -7.44 9.50
CA VAL A 35 -16.09 -8.08 8.25
C VAL A 35 -14.80 -8.88 8.40
N MET A 36 -14.87 -10.17 8.07
CA MET A 36 -13.69 -11.04 8.17
C MET A 36 -13.25 -11.35 6.75
N LEU A 37 -11.95 -11.23 6.50
CA LEU A 37 -11.46 -11.57 5.16
C LEU A 37 -10.56 -12.80 5.16
N VAL A 38 -10.87 -13.75 4.27
CA VAL A 38 -10.04 -14.94 4.10
C VAL A 38 -9.53 -14.96 2.65
N PRO A 39 -8.32 -14.44 2.41
CA PRO A 39 -7.82 -14.43 1.03
C PRO A 39 -7.36 -15.80 0.60
N THR A 40 -7.83 -16.27 -0.55
CA THR A 40 -7.38 -17.56 -1.06
C THR A 40 -7.09 -17.51 -2.57
N MET A 41 -6.38 -18.52 -3.05
CA MET A 41 -6.23 -18.70 -4.51
C MET A 41 -7.12 -19.82 -5.01
N GLY A 42 -8.19 -20.11 -4.27
CA GLY A 42 -9.10 -21.20 -4.61
C GLY A 42 -8.46 -22.56 -4.40
N ALA A 43 -9.08 -23.60 -4.98
CA ALA A 43 -8.65 -25.00 -4.78
C ALA A 43 -8.70 -25.31 -3.30
N LEU A 44 -9.85 -25.06 -2.72
CA LEU A 44 -10.01 -25.05 -1.29
C LEU A 44 -9.99 -26.45 -0.70
N HIS A 45 -9.26 -26.59 0.39
CA HIS A 45 -9.28 -27.81 1.19
C HIS A 45 -9.54 -27.51 2.67
N GLU A 46 -9.46 -28.53 3.51
CA GLU A 46 -9.76 -28.37 4.93
C GLU A 46 -8.87 -27.31 5.61
N GLY A 47 -7.66 -27.09 5.10
CA GLY A 47 -6.80 -26.02 5.62
C GLY A 47 -7.47 -24.66 5.43
N HIS A 48 -7.98 -24.41 4.23
CA HIS A 48 -8.75 -23.18 3.99
C HIS A 48 -10.02 -23.13 4.85
N LEU A 49 -10.71 -24.26 5.00
CA LEU A 49 -11.92 -24.29 5.80
C LEU A 49 -11.68 -23.98 7.28
N ALA A 50 -10.48 -24.32 7.77
CA ALA A 50 -10.08 -23.90 9.13
C ALA A 50 -9.98 -22.39 9.28
N LEU A 51 -9.51 -21.71 8.23
CA LEU A 51 -9.48 -20.25 8.17
C LEU A 51 -10.88 -19.70 8.21
N VAL A 52 -11.74 -20.23 7.33
CA VAL A 52 -13.14 -19.84 7.28
C VAL A 52 -13.84 -20.02 8.66
N ARG A 53 -13.60 -21.16 9.29
CA ARG A 53 -14.23 -21.45 10.60
C ARG A 53 -13.73 -20.55 11.71
N ALA A 54 -12.43 -20.21 11.67
CA ALA A 54 -11.87 -19.22 12.58
C ALA A 54 -12.52 -17.85 12.39
N ALA A 55 -12.73 -17.46 11.14
CA ALA A 55 -13.42 -16.22 10.81
C ALA A 55 -14.83 -16.22 11.37
N LYS A 56 -15.52 -17.33 11.13
CA LYS A 56 -16.92 -17.49 11.50
C LYS A 56 -17.15 -17.31 12.99
N ARG A 57 -16.22 -17.79 13.80
CA ARG A 57 -16.42 -17.79 15.24
C ARG A 57 -16.32 -16.43 15.89
N VAL A 58 -15.87 -15.42 15.13
CA VAL A 58 -15.85 -14.04 15.63
C VAL A 58 -17.30 -13.56 15.65
N PRO A 59 -17.81 -13.19 16.85
CA PRO A 59 -19.25 -12.89 16.93
C PRO A 59 -19.68 -11.71 16.05
N GLY A 60 -20.81 -11.86 15.37
CA GLY A 60 -21.33 -10.82 14.51
C GLY A 60 -20.63 -10.76 13.16
N SER A 61 -19.75 -11.73 12.91
CA SER A 61 -18.89 -11.68 11.72
C SER A 61 -19.73 -11.83 10.44
N VAL A 62 -19.29 -11.16 9.38
CA VAL A 62 -19.68 -11.57 8.05
C VAL A 62 -18.36 -12.01 7.40
N VAL A 63 -18.36 -13.18 6.76
CA VAL A 63 -17.12 -13.76 6.21
C VAL A 63 -17.04 -13.51 4.70
N VAL A 64 -15.98 -12.82 4.29
CA VAL A 64 -15.67 -12.65 2.87
C VAL A 64 -14.51 -13.58 2.53
N VAL A 65 -14.71 -14.48 1.57
CA VAL A 65 -13.60 -15.29 1.09
C VAL A 65 -13.30 -14.84 -0.31
N SER A 66 -12.07 -14.39 -0.54
CA SER A 66 -11.67 -14.03 -1.88
C SER A 66 -11.01 -15.23 -2.55
N ILE A 67 -11.23 -15.32 -3.85
CA ILE A 67 -10.63 -16.37 -4.66
C ILE A 67 -10.06 -15.66 -5.88
N PHE A 68 -8.75 -15.65 -5.96
CA PHE A 68 -8.07 -14.93 -7.03
C PHE A 68 -6.68 -15.52 -7.19
N VAL A 69 -6.38 -15.99 -8.40
CA VAL A 69 -5.07 -16.56 -8.67
C VAL A 69 -4.29 -15.38 -9.19
N ASN A 70 -3.43 -14.90 -8.32
CA ASN A 70 -2.78 -13.63 -8.56
C ASN A 70 -1.57 -13.79 -9.47
N PRO A 71 -1.66 -13.30 -10.73
CA PRO A 71 -0.56 -13.55 -11.64
C PRO A 71 0.78 -12.91 -11.21
N MET A 72 0.72 -11.89 -10.34
CA MET A 72 1.91 -11.12 -9.96
C MET A 72 2.85 -11.84 -8.96
N GLN A 73 2.35 -12.85 -8.25
CA GLN A 73 3.21 -13.60 -7.32
C GLN A 73 3.78 -14.87 -7.97
N PHE A 74 3.45 -15.05 -9.25
CA PHE A 74 4.00 -16.14 -10.05
C PHE A 74 5.15 -15.65 -10.92
N LEU A 80 2.02 -20.42 -13.25
CA LEU A 80 0.69 -19.79 -13.29
C LEU A 80 -0.35 -20.66 -14.00
N ASP A 81 -0.01 -21.19 -15.18
CA ASP A 81 -0.93 -22.07 -15.92
C ASP A 81 -1.13 -23.41 -15.20
N ALA A 82 -0.12 -23.81 -14.43
CA ALA A 82 -0.11 -25.10 -13.70
C ALA A 82 -0.91 -25.09 -12.38
N TYR A 83 -1.25 -23.90 -11.88
CA TYR A 83 -1.97 -23.80 -10.62
C TYR A 83 -3.39 -24.39 -10.68
N PRO A 84 -3.76 -25.24 -9.69
CA PRO A 84 -5.08 -25.90 -9.62
C PRO A 84 -6.26 -24.92 -9.55
N ARG A 85 -7.21 -25.08 -10.48
CA ARG A 85 -8.40 -24.22 -10.51
C ARG A 85 -9.69 -25.06 -10.51
N THR A 86 -10.46 -24.96 -9.42
CA THR A 86 -11.77 -25.62 -9.31
C THR A 86 -12.86 -24.72 -8.67
N PRO A 87 -13.35 -23.69 -9.42
CA PRO A 87 -14.25 -22.66 -8.87
C PRO A 87 -15.61 -23.19 -8.40
N ASP A 88 -16.16 -24.15 -9.15
CA ASP A 88 -17.42 -24.82 -8.84
C ASP A 88 -17.40 -25.33 -7.42
N ASP A 89 -16.48 -26.27 -7.19
CA ASP A 89 -16.26 -26.93 -5.91
C ASP A 89 -16.00 -25.91 -4.81
N ASP A 90 -15.20 -24.87 -5.10
CA ASP A 90 -14.84 -23.90 -4.07
C ASP A 90 -16.10 -23.25 -3.49
N LEU A 91 -16.96 -22.74 -4.36
CA LEU A 91 -18.17 -22.03 -3.92
C LEU A 91 -19.14 -22.95 -3.19
N ALA A 92 -19.16 -24.22 -3.60
CA ALA A 92 -19.97 -25.25 -2.94
C ALA A 92 -19.56 -25.43 -1.48
N GLN A 93 -18.24 -25.53 -1.27
CA GLN A 93 -17.65 -25.63 0.07
C GLN A 93 -17.97 -24.42 0.92
N LEU A 94 -17.82 -23.24 0.33
CA LEU A 94 -18.18 -22.00 1.01
C LEU A 94 -19.66 -21.98 1.40
N ARG A 95 -20.54 -22.39 0.47
CA ARG A 95 -21.96 -22.58 0.79
C ARG A 95 -22.17 -23.53 1.97
N ALA A 96 -21.48 -24.67 1.94
CA ALA A 96 -21.55 -25.66 3.01
C ALA A 96 -21.11 -25.08 4.35
N GLU A 97 -20.13 -24.16 4.30
CA GLU A 97 -19.58 -23.55 5.49
C GLU A 97 -20.39 -22.35 5.98
N GLY A 98 -21.43 -21.99 5.22
CA GLY A 98 -22.28 -20.86 5.59
C GLY A 98 -21.61 -19.51 5.41
N VAL A 99 -20.57 -19.46 4.57
CA VAL A 99 -19.93 -18.18 4.18
C VAL A 99 -20.93 -17.36 3.38
N GLU A 100 -21.02 -16.07 3.68
CA GLU A 100 -22.01 -15.21 3.03
C GLU A 100 -21.48 -14.44 1.84
N ILE A 101 -20.17 -14.28 1.75
CA ILE A 101 -19.60 -13.54 0.62
C ILE A 101 -18.39 -14.23 -0.01
N ALA A 102 -18.47 -14.46 -1.31
CA ALA A 102 -17.28 -14.83 -2.08
C ALA A 102 -16.95 -13.69 -3.02
N PHE A 103 -15.68 -13.29 -3.03
CA PHE A 103 -15.21 -12.23 -3.92
C PHE A 103 -14.32 -12.85 -4.99
N THR A 104 -14.73 -12.81 -6.26
CA THR A 104 -14.04 -13.53 -7.34
C THR A 104 -13.69 -12.57 -8.49
N PRO A 105 -12.74 -11.67 -8.25
CA PRO A 105 -12.44 -10.63 -9.23
C PRO A 105 -11.72 -11.17 -10.46
N THR A 106 -11.85 -10.44 -11.56
CA THR A 106 -11.10 -10.75 -12.78
C THR A 106 -9.69 -10.15 -12.68
N THR A 107 -8.78 -10.68 -13.50
CA THR A 107 -7.45 -10.13 -13.60
C THR A 107 -7.55 -8.70 -14.09
N ALA A 108 -8.41 -8.45 -15.09
CA ALA A 108 -8.54 -7.10 -15.61
C ALA A 108 -9.03 -6.10 -14.56
N ALA A 109 -9.94 -6.54 -13.69
CA ALA A 109 -10.47 -5.62 -12.65
C ALA A 109 -9.41 -5.32 -11.60
N MET A 110 -8.54 -6.29 -11.34
CA MET A 110 -7.51 -6.12 -10.30
C MET A 110 -6.29 -5.40 -10.84
N TYR A 111 -5.98 -5.62 -12.12
CA TYR A 111 -4.77 -5.07 -12.74
C TYR A 111 -5.06 -4.29 -14.05
N PRO A 112 -5.97 -3.29 -13.99
CA PRO A 112 -6.35 -2.60 -15.22
C PRO A 112 -5.16 -1.85 -15.78
N ASP A 113 -4.18 -1.54 -14.93
CA ASP A 113 -3.02 -0.81 -15.40
C ASP A 113 -1.75 -1.62 -15.37
N GLY A 114 -1.89 -2.93 -15.34
CA GLY A 114 -0.74 -3.81 -15.27
C GLY A 114 -0.06 -3.64 -13.94
N LEU A 115 1.26 -3.75 -13.91
CA LEU A 115 1.99 -3.55 -12.68
C LEU A 115 2.54 -2.15 -12.73
N ARG A 116 1.90 -1.27 -11.97
CA ARG A 116 2.31 0.12 -11.97
C ARG A 116 2.78 0.40 -10.56
N THR A 117 1.91 0.88 -9.68
CA THR A 117 2.32 1.03 -8.24
C THR A 117 2.24 -0.36 -7.62
N THR A 118 3.27 -0.73 -6.87
CA THR A 118 3.33 -2.05 -6.24
C THR A 118 3.94 -1.91 -4.87
N VAL A 119 3.84 -3.00 -4.11
CA VAL A 119 4.45 -3.09 -2.80
C VAL A 119 5.84 -3.70 -2.93
N GLN A 120 6.80 -3.01 -2.32
CA GLN A 120 8.17 -3.50 -2.19
C GLN A 120 8.33 -4.04 -0.76
N PRO A 121 8.37 -5.38 -0.60
CA PRO A 121 8.55 -5.91 0.75
C PRO A 121 9.95 -5.59 1.30
N GLY A 122 10.12 -5.79 2.59
CA GLY A 122 11.44 -5.67 3.22
C GLY A 122 12.33 -6.85 2.84
N PRO A 123 13.56 -6.89 3.39
CA PRO A 123 14.59 -7.87 3.01
C PRO A 123 14.18 -9.34 3.22
N LEU A 124 13.26 -9.61 4.15
CA LEU A 124 12.79 -10.99 4.33
C LEU A 124 12.26 -11.62 3.04
N ALA A 125 11.72 -10.79 2.14
CA ALA A 125 11.16 -11.34 0.89
C ALA A 125 12.23 -11.96 -0.04
N ALA A 126 13.51 -11.63 0.21
CA ALA A 126 14.62 -12.09 -0.63
C ALA A 126 15.14 -13.46 -0.20
N GLU A 127 14.61 -13.94 0.92
CA GLU A 127 15.14 -15.11 1.59
C GLU A 127 14.15 -16.25 1.58
N LEU A 128 14.62 -17.45 1.90
CA LEU A 128 13.77 -18.65 1.95
C LEU A 128 13.00 -18.85 0.66
N GLU A 129 11.67 -18.76 0.69
CA GLU A 129 10.86 -18.88 -0.53
C GLU A 129 11.23 -17.82 -1.58
N GLY A 130 11.74 -16.68 -1.12
CA GLY A 130 12.07 -15.59 -2.03
C GLY A 130 13.43 -15.70 -2.69
N GLY A 131 14.23 -16.66 -2.23
CA GLY A 131 15.60 -16.83 -2.75
C GLY A 131 15.66 -16.97 -4.27
N PRO A 132 15.03 -18.02 -4.81
CA PRO A 132 14.94 -18.22 -6.25
C PRO A 132 13.81 -17.45 -6.93
N ARG A 133 12.99 -16.75 -6.15
CA ARG A 133 11.78 -16.11 -6.68
C ARG A 133 11.71 -14.72 -6.10
N PRO A 134 12.64 -13.85 -6.51
CA PRO A 134 12.82 -12.60 -5.78
C PRO A 134 11.64 -11.60 -5.91
N THR A 135 10.71 -11.84 -6.84
CA THR A 135 9.52 -10.97 -6.99
C THR A 135 8.24 -11.58 -6.41
N HIS A 136 8.36 -12.79 -5.89
CA HIS A 136 7.18 -13.52 -5.44
C HIS A 136 6.38 -12.75 -4.38
N PHE A 137 7.07 -12.30 -3.33
CA PHE A 137 6.33 -11.73 -2.21
C PHE A 137 5.85 -10.32 -2.51
N ALA A 138 6.52 -9.62 -3.42
CA ALA A 138 6.01 -8.32 -3.90
C ALA A 138 4.65 -8.56 -4.53
N GLY A 139 4.53 -9.63 -5.29
CA GLY A 139 3.23 -10.06 -5.85
C GLY A 139 2.16 -10.31 -4.80
N VAL A 140 2.52 -11.06 -3.77
CA VAL A 140 1.59 -11.44 -2.73
C VAL A 140 1.18 -10.20 -1.94
N LEU A 141 2.15 -9.37 -1.54
CA LEU A 141 1.81 -8.25 -0.70
C LEU A 141 1.01 -7.22 -1.47
N THR A 142 1.29 -7.07 -2.76
CA THR A 142 0.54 -6.10 -3.59
C THR A 142 -0.92 -6.55 -3.65
N VAL A 143 -1.14 -7.83 -3.90
CA VAL A 143 -2.52 -8.25 -4.02
C VAL A 143 -3.24 -8.21 -2.68
N VAL A 144 -2.56 -8.58 -1.61
CA VAL A 144 -3.21 -8.60 -0.31
C VAL A 144 -3.52 -7.16 0.11
N LEU A 145 -2.62 -6.23 -0.15
CA LEU A 145 -2.95 -4.84 0.15
C LEU A 145 -4.23 -4.41 -0.58
N LYS A 146 -4.31 -4.74 -1.87
CA LYS A 146 -5.47 -4.35 -2.66
C LYS A 146 -6.75 -4.95 -2.08
N LEU A 147 -6.70 -6.23 -1.75
CA LEU A 147 -7.86 -6.94 -1.18
C LEU A 147 -8.27 -6.31 0.11
N LEU A 148 -7.28 -5.93 0.93
CA LEU A 148 -7.57 -5.26 2.19
C LEU A 148 -8.23 -3.89 2.00
N GLN A 149 -7.84 -3.17 0.95
CA GLN A 149 -8.44 -1.86 0.68
C GLN A 149 -9.83 -1.98 0.09
N ILE A 150 -10.03 -3.02 -0.70
CA ILE A 150 -11.34 -3.26 -1.31
C ILE A 150 -12.36 -3.66 -0.24
N VAL A 151 -11.98 -4.62 0.60
CA VAL A 151 -12.90 -5.27 1.55
C VAL A 151 -12.94 -4.55 2.90
N ARG A 152 -11.84 -3.90 3.27
CA ARG A 152 -11.69 -3.24 4.59
C ARG A 152 -12.18 -4.12 5.75
N PRO A 153 -11.61 -5.33 5.89
CA PRO A 153 -12.04 -6.23 6.95
C PRO A 153 -11.53 -5.75 8.31
N ASP A 154 -12.24 -6.14 9.37
CA ASP A 154 -11.69 -6.00 10.71
C ASP A 154 -10.49 -6.91 10.98
N ARG A 155 -10.57 -8.12 10.43
CA ARG A 155 -9.58 -9.16 10.61
C ARG A 155 -9.38 -9.88 9.30
N VAL A 156 -8.15 -10.32 9.10
CA VAL A 156 -7.76 -11.09 7.92
C VAL A 156 -7.00 -12.32 8.37
N PHE A 157 -7.29 -13.45 7.71
CA PHE A 157 -6.89 -14.77 8.19
C PHE A 157 -5.95 -15.43 7.20
N PHE A 158 -4.81 -15.88 7.71
CA PHE A 158 -3.82 -16.58 6.92
C PHE A 158 -3.35 -17.85 7.63
N GLY A 159 -3.02 -18.88 6.86
CA GLY A 159 -2.53 -20.13 7.46
C GLY A 159 -1.08 -20.04 7.88
N GLU A 160 -0.73 -20.73 8.96
CA GLU A 160 0.68 -20.82 9.34
C GLU A 160 1.51 -21.67 8.37
N LYS A 161 0.88 -22.50 7.55
CA LYS A 161 1.61 -23.32 6.61
C LYS A 161 2.58 -22.45 5.78
N ASP A 162 2.10 -21.30 5.34
CA ASP A 162 2.91 -20.36 4.60
C ASP A 162 3.39 -19.31 5.55
N TYR A 163 4.34 -19.73 6.39
CA TYR A 163 4.72 -18.94 7.57
C TYR A 163 5.43 -17.67 7.19
N GLN A 164 6.30 -17.74 6.18
CA GLN A 164 7.02 -16.55 5.74
C GLN A 164 6.04 -15.55 5.16
N GLN A 165 5.07 -16.04 4.41
CA GLN A 165 4.01 -15.18 3.90
C GLN A 165 3.25 -14.47 5.03
N LEU A 166 2.90 -15.21 6.08
CA LEU A 166 2.21 -14.66 7.25
C LEU A 166 3.04 -13.56 7.90
N VAL A 167 4.32 -13.84 8.10
CA VAL A 167 5.23 -12.86 8.68
C VAL A 167 5.27 -11.57 7.84
N LEU A 168 5.41 -11.73 6.53
CA LEU A 168 5.47 -10.58 5.64
C LEU A 168 4.16 -9.83 5.63
N ILE A 169 3.04 -10.52 5.73
CA ILE A 169 1.77 -9.81 5.80
C ILE A 169 1.68 -9.02 7.10
N ARG A 170 2.18 -9.56 8.22
CA ARG A 170 2.21 -8.77 9.44
C ARG A 170 3.08 -7.55 9.25
N GLN A 171 4.17 -7.71 8.49
CA GLN A 171 5.04 -6.56 8.21
C GLN A 171 4.31 -5.50 7.39
N LEU A 172 3.62 -5.94 6.35
CA LEU A 172 2.83 -5.02 5.50
C LEU A 172 1.86 -4.21 6.39
N VAL A 173 1.15 -4.94 7.24
CA VAL A 173 0.11 -4.34 8.09
C VAL A 173 0.72 -3.32 9.05
N ALA A 174 1.78 -3.72 9.73
CA ALA A 174 2.48 -2.80 10.65
C ALA A 174 3.04 -1.58 9.91
N ASP A 175 3.72 -1.85 8.81
CA ASP A 175 4.53 -0.85 8.10
C ASP A 175 3.68 0.20 7.40
N PHE A 176 2.50 -0.21 6.94
CA PHE A 176 1.60 0.73 6.29
C PHE A 176 0.45 1.17 7.20
N ASN A 177 0.54 0.89 8.51
CA ASN A 177 -0.48 1.32 9.49
C ASN A 177 -1.89 0.86 9.11
N LEU A 178 -1.99 -0.36 8.56
CA LEU A 178 -3.29 -0.88 8.13
C LEU A 178 -4.13 -1.21 9.35
N ASP A 179 -5.39 -0.79 9.32
CA ASP A 179 -6.31 -0.95 10.43
C ASP A 179 -7.03 -2.28 10.27
N VAL A 180 -6.26 -3.35 10.40
CA VAL A 180 -6.76 -4.72 10.32
C VAL A 180 -5.92 -5.57 11.26
N ALA A 181 -6.56 -6.54 11.89
CA ALA A 181 -5.82 -7.50 12.73
C ALA A 181 -5.49 -8.73 11.89
N VAL A 182 -4.23 -9.16 11.95
CA VAL A 182 -3.83 -10.35 11.18
C VAL A 182 -3.91 -11.58 12.10
N VAL A 183 -4.71 -12.55 11.68
CA VAL A 183 -4.90 -13.77 12.44
C VAL A 183 -4.22 -14.95 11.77
N GLY A 184 -3.25 -15.53 12.45
CA GLY A 184 -2.55 -16.71 11.94
C GLY A 184 -3.26 -17.94 12.44
N VAL A 185 -3.56 -18.87 11.53
CA VAL A 185 -4.32 -20.07 11.88
C VAL A 185 -3.42 -21.31 11.75
N PRO A 186 -3.41 -22.18 12.79
CA PRO A 186 -2.52 -23.34 12.71
C PRO A 186 -2.77 -24.23 11.48
N THR A 187 -1.69 -24.81 10.98
CA THR A 187 -1.72 -25.70 9.82
C THR A 187 -2.61 -26.94 10.09
N VAL A 188 -3.49 -27.22 9.14
CA VAL A 188 -4.31 -28.43 9.19
C VAL A 188 -3.54 -29.53 8.49
N ARG A 189 -3.55 -30.71 9.12
CA ARG A 189 -2.71 -31.81 8.69
C ARG A 189 -3.54 -33.05 8.40
N GLU A 190 -3.06 -33.86 7.44
CA GLU A 190 -3.61 -35.19 7.23
C GLU A 190 -3.32 -36.05 8.47
N ALA A 191 -3.96 -37.22 8.56
CA ALA A 191 -3.81 -38.10 9.73
C ALA A 191 -2.36 -38.46 10.05
N ASP A 192 -1.52 -38.54 9.02
CA ASP A 192 -0.11 -38.93 9.23
C ASP A 192 0.78 -37.73 9.53
N GLY A 193 0.21 -36.53 9.50
CA GLY A 193 0.97 -35.29 9.72
C GLY A 193 1.23 -34.42 8.51
N LEU A 194 1.01 -34.93 7.29
CA LEU A 194 1.31 -34.16 6.09
C LEU A 194 0.50 -32.85 6.09
N ALA A 195 1.18 -31.72 5.96
CA ALA A 195 0.51 -30.42 5.93
C ALA A 195 -0.43 -30.40 4.72
N MET A 196 -1.69 -30.03 4.91
CA MET A 196 -2.59 -29.95 3.74
C MET A 196 -2.16 -28.84 2.78
N SER A 197 -2.18 -29.16 1.48
CA SER A 197 -1.77 -28.22 0.46
C SER A 197 -2.46 -28.62 -0.84
N SER A 198 -2.83 -27.64 -1.66
CA SER A 198 -3.35 -27.97 -2.99
C SER A 198 -2.27 -28.65 -3.84
N ARG A 199 -0.99 -28.44 -3.50
CA ARG A 199 0.12 -29.11 -4.20
C ARG A 199 0.26 -30.61 -3.90
N ASN A 200 -0.38 -31.09 -2.84
CA ASN A 200 -0.32 -32.51 -2.47
C ASN A 200 -0.90 -33.42 -3.54
N ARG A 201 -1.87 -32.89 -4.31
CA ARG A 201 -2.51 -33.67 -5.38
C ARG A 201 -1.48 -34.13 -6.44
N TYR A 202 -0.36 -33.42 -6.50
CA TYR A 202 0.69 -33.70 -7.48
C TYR A 202 1.68 -34.75 -7.00
N LEU A 203 1.36 -35.41 -5.87
CA LEU A 203 2.18 -36.50 -5.35
C LEU A 203 1.59 -37.84 -5.73
N ASP A 204 2.39 -38.70 -6.35
CA ASP A 204 1.95 -40.07 -6.58
C ASP A 204 2.03 -40.87 -5.27
N PRO A 205 1.41 -42.07 -5.22
CA PRO A 205 1.44 -42.99 -4.07
C PRO A 205 2.79 -43.10 -3.33
N ALA A 206 3.88 -43.24 -4.09
CA ALA A 206 5.22 -43.30 -3.50
C ALA A 206 5.63 -41.99 -2.84
N GLN A 207 5.47 -40.90 -3.58
CA GLN A 207 5.83 -39.55 -3.13
C GLN A 207 4.95 -39.16 -1.95
N ARG A 208 3.68 -39.55 -2.00
CA ARG A 208 2.79 -39.29 -0.88
C ARG A 208 3.30 -39.98 0.39
N ALA A 209 3.73 -41.23 0.24
CA ALA A 209 4.30 -41.99 1.35
C ALA A 209 5.57 -41.33 1.90
N ALA A 210 6.46 -40.90 1.01
CA ALA A 210 7.72 -40.26 1.41
C ALA A 210 7.51 -38.87 2.02
N ALA A 211 6.45 -38.19 1.58
CA ALA A 211 6.19 -36.81 1.99
C ALA A 211 5.92 -36.63 3.49
N VAL A 212 5.55 -37.71 4.17
CA VAL A 212 5.33 -37.67 5.62
C VAL A 212 6.63 -37.26 6.33
N ALA A 213 7.77 -37.44 5.66
CA ALA A 213 9.09 -37.14 6.26
C ALA A 213 9.23 -35.67 6.65
N LEU A 214 8.54 -34.78 5.94
CA LEU A 214 8.68 -33.36 6.31
C LEU A 214 8.14 -33.10 7.71
N SER A 215 6.91 -33.51 7.94
CA SER A 215 6.24 -33.28 9.23
C SER A 215 6.90 -34.15 10.32
N ALA A 216 7.29 -35.36 9.96
CA ALA A 216 8.01 -36.26 10.90
C ALA A 216 9.32 -35.63 11.34
N ALA A 217 10.05 -35.04 10.39
CA ALA A 217 11.32 -34.37 10.69
C ALA A 217 11.09 -33.19 11.63
N LEU A 218 10.12 -32.36 11.30
CA LEU A 218 9.80 -31.17 12.10
C LEU A 218 9.37 -31.53 13.52
N THR A 219 8.48 -32.52 13.65
CA THR A 219 8.00 -32.89 14.98
C THR A 219 9.11 -33.58 15.78
N ALA A 220 9.94 -34.37 15.10
CA ALA A 220 11.13 -34.95 15.75
C ALA A 220 12.02 -33.82 16.33
N ALA A 221 12.30 -32.81 15.48
CA ALA A 221 13.10 -31.65 15.89
C ALA A 221 12.47 -30.94 17.08
N ALA A 222 11.16 -30.71 17.06
CA ALA A 222 10.49 -29.97 18.14
C ALA A 222 10.67 -30.68 19.48
N HIS A 223 10.68 -32.02 19.44
CA HIS A 223 10.92 -32.81 20.65
C HIS A 223 12.40 -32.97 21.01
N ALA A 224 13.27 -32.99 19.99
CA ALA A 224 14.71 -33.08 20.21
C ALA A 224 15.22 -31.81 20.85
N ALA A 225 14.43 -30.75 20.69
CA ALA A 225 14.88 -29.37 20.98
C ALA A 225 15.18 -29.12 22.47
N THR A 226 14.73 -30.02 23.36
CA THR A 226 15.17 -29.93 24.78
C THR A 226 16.68 -30.04 24.91
N ALA A 227 17.31 -30.73 23.95
CA ALA A 227 18.77 -30.88 23.88
C ALA A 227 19.52 -29.80 23.10
N GLY A 228 18.79 -28.80 22.59
CA GLY A 228 19.44 -27.66 21.95
C GLY A 228 19.13 -27.59 20.47
N ALA A 229 19.53 -26.48 19.88
CA ALA A 229 19.28 -26.20 18.45
C ALA A 229 19.96 -27.19 17.53
N GLN A 230 21.21 -27.56 17.85
CA GLN A 230 21.95 -28.48 16.99
C GLN A 230 21.24 -29.83 16.94
N ALA A 231 20.84 -30.31 18.13
CA ALA A 231 20.13 -31.57 18.26
C ALA A 231 18.83 -31.56 17.43
N ALA A 232 18.10 -30.45 17.52
CA ALA A 232 16.82 -30.32 16.84
C ALA A 232 17.05 -30.40 15.34
N LEU A 233 17.99 -29.59 14.85
CA LEU A 233 18.30 -29.58 13.42
C LEU A 233 18.82 -30.93 12.92
N ASP A 234 19.70 -31.56 13.69
CA ASP A 234 20.26 -32.85 13.27
C ASP A 234 19.19 -33.96 13.27
N ALA A 235 18.26 -33.90 14.23
CA ALA A 235 17.12 -34.85 14.25
C ALA A 235 16.31 -34.70 12.95
N ALA A 236 15.95 -33.47 12.61
CA ALA A 236 15.17 -33.22 11.37
C ALA A 236 15.94 -33.71 10.14
N ARG A 237 17.24 -33.37 10.08
CA ARG A 237 18.06 -33.71 8.90
C ARG A 237 18.15 -35.23 8.74
N ALA A 238 18.26 -35.93 9.87
CA ALA A 238 18.36 -37.39 9.86
C ALA A 238 17.08 -38.03 9.31
N VAL A 239 15.92 -37.52 9.72
CA VAL A 239 14.66 -38.02 9.19
C VAL A 239 14.56 -37.75 7.68
N LEU A 240 14.88 -36.52 7.28
CA LEU A 240 14.80 -36.17 5.84
C LEU A 240 15.78 -37.00 5.03
N ASP A 241 16.98 -37.21 5.57
CA ASP A 241 18.01 -38.07 4.94
C ASP A 241 17.57 -39.53 4.78
N ALA A 242 16.66 -39.98 5.65
CA ALA A 242 16.18 -41.36 5.63
C ALA A 242 14.97 -41.50 4.71
N ALA A 243 14.61 -40.42 4.01
CA ALA A 243 13.42 -40.39 3.17
C ALA A 243 13.74 -40.54 1.70
N PRO A 244 13.26 -41.65 1.10
CA PRO A 244 13.53 -41.93 -0.31
C PRO A 244 12.90 -40.87 -1.20
N GLY A 245 13.75 -40.18 -1.94
CA GLY A 245 13.26 -39.28 -2.98
C GLY A 245 12.65 -37.99 -2.46
N VAL A 246 13.08 -37.58 -1.28
CA VAL A 246 12.79 -36.24 -0.80
C VAL A 246 14.07 -35.44 -1.01
N ALA A 247 14.00 -34.39 -1.83
CA ALA A 247 15.16 -33.53 -2.05
C ALA A 247 14.97 -32.22 -1.32
N VAL A 248 15.84 -31.92 -0.38
CA VAL A 248 15.64 -30.77 0.47
C VAL A 248 16.18 -29.50 -0.19
N ASP A 249 15.35 -28.46 -0.28
CA ASP A 249 15.80 -27.14 -0.71
C ASP A 249 16.39 -26.37 0.45
N TYR A 250 15.65 -26.27 1.54
CA TYR A 250 16.20 -25.67 2.76
C TYR A 250 15.59 -26.29 4.02
N LEU A 251 16.34 -26.19 5.12
CA LEU A 251 15.88 -26.57 6.45
C LEU A 251 16.52 -25.57 7.39
N GLU A 252 15.70 -24.64 7.90
CA GLU A 252 16.27 -23.52 8.61
C GLU A 252 15.52 -23.20 9.89
N LEU A 253 16.29 -22.92 10.92
CA LEU A 253 15.75 -22.58 12.21
C LEU A 253 15.93 -21.08 12.40
N ARG A 254 14.82 -20.39 12.60
CA ARG A 254 14.83 -18.95 12.69
C ARG A 254 14.10 -18.48 13.94
N ASP A 255 14.30 -17.22 14.28
CA ASP A 255 13.47 -16.56 15.27
C ASP A 255 12.00 -16.54 14.77
N ILE A 256 11.03 -16.37 15.66
CA ILE A 256 9.64 -16.40 15.19
C ILE A 256 9.27 -15.31 14.15
N GLY A 257 10.02 -14.20 14.13
CA GLY A 257 9.80 -13.14 13.14
C GLY A 257 10.66 -13.36 11.92
N LEU A 258 11.34 -14.50 11.90
CA LEU A 258 12.13 -15.00 10.77
C LEU A 258 13.41 -14.23 10.55
N GLY A 259 13.89 -13.59 11.61
CA GLY A 259 15.27 -13.11 11.68
C GLY A 259 16.25 -14.29 11.66
N ASN A 264 19.69 -18.86 21.95
CA ASN A 264 18.34 -18.50 21.48
C ASN A 264 17.24 -19.41 22.10
N GLY A 265 15.97 -18.96 22.03
CA GLY A 265 14.88 -19.55 22.85
C GLY A 265 13.65 -20.13 22.16
N SER A 266 12.80 -19.28 21.59
CA SER A 266 11.66 -19.75 20.80
C SER A 266 11.90 -19.42 19.34
N GLY A 267 11.60 -20.37 18.48
CA GLY A 267 11.90 -20.23 17.08
C GLY A 267 10.87 -20.91 16.20
N ARG A 268 11.17 -20.87 14.90
CA ARG A 268 10.39 -21.58 13.92
C ARG A 268 11.33 -22.37 13.05
N LEU A 269 11.00 -23.65 12.84
CA LEU A 269 11.82 -24.46 11.96
C LEU A 269 11.07 -24.59 10.65
N LEU A 270 11.74 -24.25 9.56
CA LEU A 270 11.05 -24.26 8.26
C LEU A 270 11.75 -25.18 7.30
N VAL A 271 10.95 -25.93 6.55
CA VAL A 271 11.49 -26.85 5.54
C VAL A 271 10.79 -26.63 4.20
N ALA A 272 11.56 -26.74 3.12
CA ALA A 272 11.00 -26.82 1.78
C ALA A 272 11.74 -27.96 1.11
N ALA A 273 11.00 -28.83 0.42
CA ALA A 273 11.58 -30.01 -0.20
C ALA A 273 10.85 -30.30 -1.50
N ARG A 274 11.52 -30.99 -2.41
CA ARG A 274 10.90 -31.46 -3.64
C ARG A 274 10.71 -32.94 -3.60
N LEU A 275 9.52 -33.38 -3.98
CA LEU A 275 9.26 -34.77 -4.29
C LEU A 275 8.91 -34.85 -5.78
N GLY A 276 9.86 -35.28 -6.60
CA GLY A 276 9.70 -35.15 -8.06
C GLY A 276 9.72 -33.68 -8.43
N THR A 277 8.65 -33.21 -9.08
CA THR A 277 8.56 -31.80 -9.43
C THR A 277 7.75 -31.00 -8.41
N THR A 278 7.15 -31.72 -7.46
CA THR A 278 6.23 -31.11 -6.49
C THR A 278 7.02 -30.57 -5.30
N ARG A 279 6.97 -29.24 -5.12
CA ARG A 279 7.68 -28.60 -4.02
C ARG A 279 6.75 -28.44 -2.83
N LEU A 280 7.15 -28.99 -1.68
CA LEU A 280 6.32 -28.96 -0.47
C LEU A 280 6.96 -28.11 0.61
N LEU A 281 6.12 -27.42 1.41
CA LEU A 281 6.61 -26.60 2.52
C LEU A 281 5.99 -27.10 3.81
N ASP A 282 6.70 -26.91 4.91
CA ASP A 282 6.10 -27.13 6.21
C ASP A 282 6.96 -26.35 7.21
N ASN A 283 6.41 -26.12 8.40
CA ASN A 283 7.17 -25.44 9.43
C ASN A 283 6.53 -25.75 10.78
N ILE A 284 7.25 -25.49 11.86
CA ILE A 284 6.74 -25.82 13.17
C ILE A 284 7.35 -24.88 14.20
N ALA A 285 6.59 -24.63 15.27
CA ALA A 285 7.11 -23.95 16.46
C ALA A 285 8.18 -24.81 17.09
N ILE A 286 9.27 -24.18 17.51
CA ILE A 286 10.37 -24.86 18.21
C ILE A 286 10.64 -24.08 19.50
N GLU A 287 10.70 -24.78 20.64
CA GLU A 287 11.18 -24.19 21.90
C GLU A 287 12.52 -24.81 22.25
N ILE A 288 13.55 -23.99 22.35
CA ILE A 288 14.89 -24.50 22.62
C ILE A 288 15.07 -24.65 24.14
N GLY A 289 15.45 -25.84 24.59
CA GLY A 289 15.53 -26.13 26.01
C GLY A 289 14.16 -26.47 26.58
N ALA B 3 -10.56 4.20 26.05
CA ALA B 3 -11.34 5.44 25.77
C ALA B 3 -10.71 6.28 24.65
N ILE B 4 -11.57 6.81 23.78
CA ILE B 4 -11.13 7.67 22.68
C ILE B 4 -10.42 8.91 23.23
N PRO B 5 -9.26 9.29 22.64
CA PRO B 5 -8.54 10.47 23.13
C PRO B 5 -9.40 11.74 23.14
N ALA B 6 -9.04 12.67 24.01
CA ALA B 6 -9.74 13.94 24.14
C ALA B 6 -9.79 14.71 22.82
N PHE B 7 -10.98 15.19 22.46
CA PHE B 7 -11.14 16.10 21.32
C PHE B 7 -12.05 17.26 21.68
N HIS B 8 -11.51 18.47 21.57
CA HIS B 8 -12.26 19.70 21.84
C HIS B 8 -12.64 20.40 20.53
N PRO B 9 -13.93 20.31 20.15
CA PRO B 9 -14.41 20.98 18.93
C PRO B 9 -14.10 22.46 18.89
N GLY B 10 -13.74 22.96 17.71
CA GLY B 10 -13.44 24.37 17.52
C GLY B 10 -12.12 24.85 18.09
N GLU B 11 -11.33 23.93 18.63
CA GLU B 11 -9.98 24.24 19.07
C GLU B 11 -9.01 23.45 18.18
N LEU B 12 -7.76 23.89 18.12
CA LEU B 12 -6.72 23.08 17.49
C LEU B 12 -6.31 21.98 18.46
N ASN B 13 -6.59 20.74 18.08
CA ASN B 13 -6.24 19.59 18.89
C ASN B 13 -5.01 18.95 18.27
N VAL B 14 -3.92 18.89 19.02
CA VAL B 14 -2.67 18.38 18.49
C VAL B 14 -2.40 16.96 19.01
N TYR B 15 -2.18 16.04 18.08
CA TYR B 15 -1.84 14.65 18.42
C TYR B 15 -0.55 14.24 17.76
N SER B 16 0.33 13.61 18.52
CA SER B 16 1.60 13.13 17.98
C SER B 16 1.61 11.62 17.77
N ALA B 17 0.74 10.90 18.50
CA ALA B 17 0.64 9.46 18.41
C ALA B 17 -0.26 9.09 17.24
N PRO B 18 0.24 8.28 16.27
CA PRO B 18 -0.62 7.80 15.18
C PRO B 18 -1.93 7.16 15.67
N GLY B 19 -1.86 6.34 16.71
CA GLY B 19 -3.05 5.73 17.30
C GLY B 19 -4.11 6.72 17.77
N ASP B 20 -3.66 7.82 18.36
CA ASP B 20 -4.54 8.87 18.88
C ASP B 20 -5.32 9.54 17.76
N VAL B 21 -4.60 9.97 16.72
CA VAL B 21 -5.30 10.62 15.60
C VAL B 21 -6.18 9.62 14.85
N ALA B 22 -5.74 8.37 14.78
CA ALA B 22 -6.55 7.32 14.16
C ALA B 22 -7.87 7.18 14.92
N ASP B 23 -7.76 7.12 16.25
CA ASP B 23 -8.93 6.89 17.12
C ASP B 23 -9.91 8.05 17.04
N VAL B 24 -9.39 9.27 17.10
CA VAL B 24 -10.21 10.46 17.01
C VAL B 24 -10.86 10.63 15.63
N SER B 25 -10.09 10.36 14.58
CA SER B 25 -10.64 10.45 13.23
C SER B 25 -11.81 9.47 13.07
N ARG B 26 -11.60 8.22 13.54
CA ARG B 26 -12.65 7.19 13.47
C ARG B 26 -13.89 7.61 14.23
N ALA B 27 -13.69 8.07 15.47
CA ALA B 27 -14.79 8.56 16.34
C ALA B 27 -15.53 9.74 15.71
N LEU B 28 -14.78 10.70 15.15
CA LEU B 28 -15.40 11.86 14.52
C LEU B 28 -16.21 11.48 13.32
N ARG B 29 -15.68 10.59 12.47
CA ARG B 29 -16.43 10.23 11.27
C ARG B 29 -17.76 9.54 11.63
N LEU B 30 -17.77 8.80 12.73
CA LEU B 30 -18.99 8.14 13.22
C LEU B 30 -20.06 9.12 13.72
N THR B 31 -19.62 10.32 14.10
CA THR B 31 -20.53 11.38 14.57
C THR B 31 -21.07 12.25 13.43
N GLY B 32 -20.74 11.90 12.19
CA GLY B 32 -21.23 12.66 11.03
C GLY B 32 -20.32 13.79 10.60
N ARG B 33 -19.02 13.64 10.84
CA ARG B 33 -18.05 14.57 10.26
C ARG B 33 -17.47 13.90 9.05
N ARG B 34 -16.94 14.70 8.12
CA ARG B 34 -16.21 14.15 6.98
C ARG B 34 -14.76 14.57 7.18
N VAL B 35 -13.88 13.58 7.24
CA VAL B 35 -12.49 13.83 7.62
C VAL B 35 -11.71 14.27 6.39
N MET B 36 -11.04 15.42 6.48
CA MET B 36 -10.28 15.95 5.36
C MET B 36 -8.82 15.94 5.78
N LEU B 37 -7.96 15.39 4.95
CA LEU B 37 -6.53 15.36 5.25
C LEU B 37 -5.73 16.29 4.36
N VAL B 38 -4.90 17.11 5.00
CA VAL B 38 -4.03 18.03 4.31
C VAL B 38 -2.59 17.70 4.78
N PRO B 39 -1.86 16.86 4.03
CA PRO B 39 -0.46 16.56 4.35
C PRO B 39 0.47 17.74 4.12
N THR B 40 1.31 18.02 5.11
CA THR B 40 2.31 19.08 4.94
C THR B 40 3.62 18.68 5.58
N MET B 41 4.63 19.46 5.27
CA MET B 41 5.93 19.28 5.90
C MET B 41 6.23 20.48 6.78
N GLY B 42 5.18 21.16 7.24
CA GLY B 42 5.33 22.35 8.09
C GLY B 42 5.90 23.50 7.28
N ALA B 43 6.46 24.49 7.96
CA ALA B 43 6.87 25.75 7.35
C ALA B 43 5.75 26.28 6.46
N LEU B 44 4.57 26.47 7.04
CA LEU B 44 3.37 26.76 6.25
C LEU B 44 3.36 28.16 5.65
N HIS B 45 2.95 28.23 4.38
CA HIS B 45 2.68 29.50 3.72
C HIS B 45 1.30 29.51 3.06
N GLU B 46 0.99 30.58 2.34
CA GLU B 46 -0.36 30.77 1.81
C GLU B 46 -0.75 29.62 0.89
N GLY B 47 0.24 28.99 0.26
CA GLY B 47 -0.04 27.84 -0.61
C GLY B 47 -0.68 26.72 0.21
N HIS B 48 -0.10 26.43 1.38
CA HIS B 48 -0.66 25.40 2.25
C HIS B 48 -1.99 25.82 2.81
N LEU B 49 -2.15 27.11 3.06
CA LEU B 49 -3.43 27.59 3.61
C LEU B 49 -4.53 27.39 2.59
N ALA B 50 -4.18 27.52 1.30
CA ALA B 50 -5.19 27.30 0.27
C ALA B 50 -5.68 25.87 0.30
N LEU B 51 -4.81 24.92 0.67
CA LEU B 51 -5.21 23.51 0.80
C LEU B 51 -6.17 23.38 1.97
N VAL B 52 -5.80 24.02 3.07
CA VAL B 52 -6.63 24.01 4.28
C VAL B 52 -8.03 24.60 4.00
N ARG B 53 -8.07 25.73 3.29
CA ARG B 53 -9.33 26.39 3.01
C ARG B 53 -10.22 25.55 2.11
N ALA B 54 -9.61 24.80 1.18
CA ALA B 54 -10.37 23.91 0.30
C ALA B 54 -10.98 22.79 1.12
N ALA B 55 -10.22 22.27 2.07
CA ALA B 55 -10.71 21.21 2.94
C ALA B 55 -11.84 21.73 3.82
N LYS B 56 -11.68 22.94 4.33
CA LYS B 56 -12.65 23.49 5.24
C LYS B 56 -14.02 23.68 4.63
N ARG B 57 -14.09 24.01 3.34
CA ARG B 57 -15.41 24.34 2.77
C ARG B 57 -16.30 23.15 2.47
N VAL B 58 -15.77 21.94 2.65
CA VAL B 58 -16.60 20.74 2.52
C VAL B 58 -17.58 20.68 3.70
N PRO B 59 -18.90 20.62 3.41
CA PRO B 59 -19.85 20.59 4.51
C PRO B 59 -19.59 19.43 5.44
N GLY B 60 -19.53 19.74 6.73
CA GLY B 60 -19.29 18.71 7.77
C GLY B 60 -17.83 18.40 8.03
N SER B 61 -16.96 19.13 7.37
CA SER B 61 -15.53 18.84 7.40
C SER B 61 -15.00 18.88 8.80
N VAL B 62 -14.09 17.97 9.12
CA VAL B 62 -13.11 18.22 10.18
C VAL B 62 -11.76 18.13 9.46
N VAL B 63 -10.89 19.12 9.70
CA VAL B 63 -9.65 19.22 8.95
C VAL B 63 -8.49 18.68 9.76
N VAL B 64 -7.76 17.71 9.19
CA VAL B 64 -6.58 17.14 9.84
C VAL B 64 -5.43 17.61 8.98
N VAL B 65 -4.52 18.39 9.56
CA VAL B 65 -3.32 18.78 8.87
C VAL B 65 -2.19 18.00 9.50
N SER B 66 -1.47 17.23 8.70
CA SER B 66 -0.31 16.52 9.25
C SER B 66 0.91 17.40 9.00
N ILE B 67 1.86 17.33 9.93
CA ILE B 67 3.11 18.04 9.77
C ILE B 67 4.17 17.00 10.04
N PHE B 68 4.90 16.65 8.99
CA PHE B 68 5.88 15.57 9.08
C PHE B 68 6.92 15.68 8.00
N VAL B 69 8.18 15.59 8.39
CA VAL B 69 9.28 15.58 7.43
C VAL B 69 9.70 14.14 7.24
N ASN B 70 9.54 13.68 6.01
CA ASN B 70 9.87 12.33 5.63
C ASN B 70 11.39 12.09 5.62
N PRO B 71 11.88 11.08 6.38
CA PRO B 71 13.32 10.81 6.43
C PRO B 71 13.78 9.95 5.24
N PRO B 87 7.58 25.31 14.58
CA PRO B 87 6.41 24.47 14.78
C PRO B 87 5.24 25.24 15.41
N ASP B 88 5.56 26.04 16.44
CA ASP B 88 4.56 26.87 17.10
C ASP B 88 3.94 27.86 16.13
N ASP B 89 4.75 28.38 15.20
CA ASP B 89 4.26 29.30 14.16
C ASP B 89 3.25 28.58 13.23
N ASP B 90 3.59 27.37 12.85
CA ASP B 90 2.71 26.56 11.99
C ASP B 90 1.39 26.30 12.69
N LEU B 91 1.46 25.92 13.95
CA LEU B 91 0.27 25.67 14.75
C LEU B 91 -0.59 26.92 14.93
N ALA B 92 0.06 28.06 15.16
CA ALA B 92 -0.67 29.33 15.23
C ALA B 92 -1.44 29.60 13.94
N GLN B 93 -0.82 29.34 12.79
CA GLN B 93 -1.48 29.54 11.50
C GLN B 93 -2.69 28.63 11.34
N LEU B 94 -2.55 27.39 11.76
CA LEU B 94 -3.68 26.43 11.66
C LEU B 94 -4.82 26.84 12.57
N ARG B 95 -4.47 27.25 13.80
CA ARG B 95 -5.44 27.76 14.78
C ARG B 95 -6.23 28.90 14.14
N ALA B 96 -5.52 29.83 13.50
CA ALA B 96 -6.15 30.98 12.88
C ALA B 96 -7.04 30.58 11.70
N GLU B 97 -6.73 29.43 11.09
CA GLU B 97 -7.52 28.92 9.97
C GLU B 97 -8.73 28.10 10.44
N GLY B 98 -8.82 27.86 11.74
CA GLY B 98 -9.94 27.11 12.31
C GLY B 98 -9.82 25.60 12.12
N VAL B 99 -8.60 25.15 11.95
CA VAL B 99 -8.30 23.74 11.83
C VAL B 99 -8.42 23.10 13.21
N GLU B 100 -9.11 21.97 13.27
CA GLU B 100 -9.33 21.31 14.56
C GLU B 100 -8.35 20.22 14.90
N ILE B 101 -7.63 19.68 13.91
CA ILE B 101 -6.68 18.62 14.18
C ILE B 101 -5.32 18.84 13.47
N ALA B 102 -4.26 18.87 14.27
CA ALA B 102 -2.91 18.78 13.75
C ALA B 102 -2.32 17.45 14.16
N PHE B 103 -1.64 16.78 13.23
CA PHE B 103 -1.04 15.50 13.55
C PHE B 103 0.46 15.65 13.35
N THR B 104 1.20 15.58 14.45
CA THR B 104 2.63 15.90 14.40
C THR B 104 3.50 14.74 14.90
N PRO B 105 3.57 13.63 14.13
CA PRO B 105 4.29 12.46 14.63
C PRO B 105 5.80 12.63 14.58
N THR B 106 6.51 11.87 15.41
CA THR B 106 7.95 11.74 15.28
C THR B 106 8.30 10.76 14.19
N THR B 107 9.53 10.84 13.72
CA THR B 107 10.06 9.85 12.77
C THR B 107 9.97 8.42 13.33
N ALA B 108 10.23 8.29 14.63
CA ALA B 108 10.21 6.97 15.25
C ALA B 108 8.80 6.38 15.33
N ALA B 109 7.81 7.26 15.49
CA ALA B 109 6.42 6.85 15.57
C ALA B 109 5.95 6.42 14.19
N MET B 110 6.43 7.10 13.16
CA MET B 110 6.07 6.77 11.77
C MET B 110 6.82 5.56 11.25
N TYR B 111 8.07 5.40 11.68
CA TYR B 111 8.93 4.35 11.17
C TYR B 111 9.51 3.50 12.31
N PRO B 112 8.65 2.90 13.16
CA PRO B 112 9.17 2.18 14.34
C PRO B 112 10.08 1.01 13.99
N ASP B 113 9.97 0.51 12.77
CA ASP B 113 10.78 -0.60 12.30
C ASP B 113 11.72 -0.17 11.18
N GLY B 114 11.95 1.14 11.06
CA GLY B 114 12.78 1.69 9.99
C GLY B 114 12.09 1.55 8.64
N LEU B 115 12.86 1.59 7.56
CA LEU B 115 12.29 1.40 6.23
C LEU B 115 12.29 -0.07 5.90
N ARG B 116 11.10 -0.64 5.83
CA ARG B 116 11.00 -2.08 5.64
C ARG B 116 10.08 -2.29 4.44
N THR B 117 8.78 -2.46 4.68
CA THR B 117 7.84 -2.44 3.54
C THR B 117 7.68 -1.01 3.01
N THR B 118 7.78 -0.85 1.69
CA THR B 118 7.63 0.47 1.06
C THR B 118 6.80 0.37 -0.22
N VAL B 119 6.44 1.54 -0.74
CA VAL B 119 5.70 1.60 -1.96
C VAL B 119 6.70 1.77 -3.08
N GLN B 120 6.52 0.99 -4.12
CA GLN B 120 7.30 1.12 -5.34
C GLN B 120 6.35 1.78 -6.36
N PRO B 121 6.61 3.07 -6.67
CA PRO B 121 5.82 3.74 -7.71
C PRO B 121 6.02 3.12 -9.07
N GLY B 122 5.09 3.40 -9.97
CA GLY B 122 5.28 3.09 -11.38
C GLY B 122 6.38 3.92 -12.02
N PRO B 123 6.62 3.69 -13.31
CA PRO B 123 7.76 4.27 -14.06
C PRO B 123 7.75 5.80 -14.16
N LEU B 124 6.58 6.42 -13.95
CA LEU B 124 6.53 7.87 -13.96
C LEU B 124 7.43 8.45 -12.89
N ALA B 125 7.66 7.70 -11.81
CA ALA B 125 8.49 8.18 -10.71
C ALA B 125 9.96 8.37 -11.08
N ALA B 126 10.39 7.76 -12.18
CA ALA B 126 11.77 7.89 -12.65
C ALA B 126 11.98 9.08 -13.59
N GLU B 127 10.87 9.68 -14.03
CA GLU B 127 10.89 10.76 -14.99
C GLU B 127 10.89 12.11 -14.31
N LEU B 128 11.26 13.14 -15.06
CA LEU B 128 11.08 14.52 -14.60
C LEU B 128 11.75 14.73 -13.25
N GLU B 129 10.98 14.90 -12.18
CA GLU B 129 11.58 15.09 -10.83
C GLU B 129 12.41 13.88 -10.37
N GLY B 130 12.07 12.71 -10.89
CA GLY B 130 12.78 11.45 -10.58
C GLY B 130 14.14 11.29 -11.24
N GLY B 131 14.46 12.19 -12.18
CA GLY B 131 15.79 12.26 -12.78
C GLY B 131 16.89 12.47 -11.75
N PRO B 132 16.95 13.68 -11.16
CA PRO B 132 17.86 13.97 -10.03
C PRO B 132 17.57 13.18 -8.75
N ARG B 133 16.32 12.80 -8.50
CA ARG B 133 15.96 12.10 -7.26
C ARG B 133 15.18 10.80 -7.53
N PRO B 134 15.88 9.73 -7.97
CA PRO B 134 15.21 8.49 -8.37
C PRO B 134 14.37 7.73 -7.31
N THR B 135 14.59 8.01 -6.02
CA THR B 135 13.82 7.36 -4.95
C THR B 135 12.88 8.33 -4.22
N HIS B 136 12.81 9.58 -4.70
CA HIS B 136 12.08 10.61 -4.01
C HIS B 136 10.63 10.18 -3.89
N PHE B 137 10.04 9.78 -5.01
CA PHE B 137 8.61 9.52 -4.98
C PHE B 137 8.24 8.24 -4.24
N ALA B 138 9.12 7.26 -4.20
CA ALA B 138 8.88 6.08 -3.35
C ALA B 138 8.72 6.56 -1.90
N GLY B 139 9.55 7.50 -1.46
CA GLY B 139 9.40 8.05 -0.13
C GLY B 139 8.06 8.76 0.09
N VAL B 140 7.69 9.62 -0.84
CA VAL B 140 6.45 10.37 -0.76
C VAL B 140 5.23 9.40 -0.77
N LEU B 141 5.18 8.50 -1.73
CA LEU B 141 4.02 7.56 -1.74
C LEU B 141 3.96 6.68 -0.49
N THR B 142 5.10 6.25 0.03
CA THR B 142 5.09 5.47 1.27
C THR B 142 4.52 6.28 2.41
N VAL B 143 4.98 7.50 2.58
CA VAL B 143 4.47 8.27 3.73
C VAL B 143 3.01 8.69 3.53
N VAL B 144 2.65 9.02 2.29
CA VAL B 144 1.24 9.37 1.99
C VAL B 144 0.35 8.15 2.24
N LEU B 145 0.78 6.97 1.82
CA LEU B 145 -0.05 5.78 2.07
C LEU B 145 -0.26 5.60 3.59
N LYS B 146 0.80 5.75 4.36
CA LYS B 146 0.73 5.64 5.82
C LYS B 146 -0.24 6.63 6.43
N LEU B 147 -0.14 7.89 6.00
CA LEU B 147 -1.00 8.95 6.54
C LEU B 147 -2.44 8.65 6.19
N LEU B 148 -2.67 8.17 4.97
CA LEU B 148 -4.01 7.76 4.58
C LEU B 148 -4.59 6.66 5.46
N GLN B 149 -3.75 5.72 5.86
CA GLN B 149 -4.20 4.56 6.63
C GLN B 149 -4.40 4.95 8.09
N ILE B 150 -3.57 5.86 8.57
CA ILE B 150 -3.70 6.39 9.94
C ILE B 150 -4.97 7.21 10.10
N VAL B 151 -5.20 8.14 9.18
CA VAL B 151 -6.27 9.13 9.32
C VAL B 151 -7.58 8.68 8.67
N ARG B 152 -7.48 7.83 7.65
CA ARG B 152 -8.64 7.39 6.86
C ARG B 152 -9.58 8.56 6.52
N PRO B 153 -9.05 9.56 5.81
CA PRO B 153 -9.86 10.71 5.44
C PRO B 153 -10.80 10.35 4.31
N ASP B 154 -11.88 11.11 4.21
CA ASP B 154 -12.74 11.04 3.04
C ASP B 154 -12.08 11.66 1.82
N ARG B 155 -11.32 12.74 2.03
CA ARG B 155 -10.64 13.38 0.92
C ARG B 155 -9.27 13.84 1.39
N VAL B 156 -8.35 13.87 0.42
CA VAL B 156 -6.96 14.28 0.74
C VAL B 156 -6.56 15.34 -0.29
N PHE B 157 -5.91 16.40 0.18
CA PHE B 157 -5.66 17.63 -0.59
C PHE B 157 -4.17 17.80 -0.86
N PHE B 158 -3.86 18.01 -2.14
CA PHE B 158 -2.47 18.26 -2.58
C PHE B 158 -2.43 19.42 -3.55
N GLY B 159 -1.33 20.19 -3.53
CA GLY B 159 -1.25 21.31 -4.46
C GLY B 159 -0.84 20.86 -5.86
N GLU B 160 -1.38 21.56 -6.85
CA GLU B 160 -0.99 21.34 -8.26
C GLU B 160 0.44 21.74 -8.52
N LYS B 161 1.02 22.52 -7.63
CA LYS B 161 2.40 22.97 -7.86
C LYS B 161 3.32 21.76 -8.03
N ASP B 162 3.08 20.71 -7.25
CA ASP B 162 3.86 19.49 -7.41
C ASP B 162 3.00 18.54 -8.20
N TYR B 163 2.89 18.84 -9.48
CA TYR B 163 1.92 18.15 -10.34
C TYR B 163 2.24 16.67 -10.47
N GLN B 164 3.53 16.36 -10.66
CA GLN B 164 3.95 14.97 -10.80
C GLN B 164 3.65 14.18 -9.53
N GLN B 165 3.90 14.78 -8.37
CA GLN B 165 3.50 14.18 -7.11
C GLN B 165 2.00 13.91 -7.06
N LEU B 166 1.21 14.89 -7.46
CA LEU B 166 -0.24 14.75 -7.47
C LEU B 166 -0.67 13.57 -8.36
N VAL B 167 -0.14 13.51 -9.57
CA VAL B 167 -0.42 12.41 -10.51
C VAL B 167 -0.02 11.06 -9.91
N LEU B 168 1.16 11.01 -9.30
CA LEU B 168 1.61 9.75 -8.65
C LEU B 168 0.73 9.33 -7.50
N ILE B 169 0.24 10.30 -6.72
CA ILE B 169 -0.73 9.97 -5.65
C ILE B 169 -2.04 9.45 -6.22
N ARG B 170 -2.48 10.03 -7.34
CA ARG B 170 -3.66 9.49 -8.00
CA ARG B 170 -3.67 9.51 -8.02
C ARG B 170 -3.43 8.05 -8.44
N GLN B 171 -2.22 7.76 -8.94
CA GLN B 171 -1.88 6.38 -9.29
C GLN B 171 -1.88 5.47 -8.07
N LEU B 172 -1.26 5.92 -6.97
CA LEU B 172 -1.29 5.17 -5.71
C LEU B 172 -2.73 4.78 -5.30
N VAL B 173 -3.61 5.77 -5.29
CA VAL B 173 -5.00 5.58 -4.87
C VAL B 173 -5.73 4.63 -5.80
N ALA B 174 -5.54 4.81 -7.10
CA ALA B 174 -6.21 3.89 -8.04
C ALA B 174 -5.64 2.47 -7.92
N ASP B 175 -4.31 2.39 -7.88
CA ASP B 175 -3.62 1.09 -7.94
C ASP B 175 -3.83 0.22 -6.72
N PHE B 176 -3.96 0.86 -5.55
CA PHE B 176 -4.15 0.14 -4.31
C PHE B 176 -5.61 0.17 -3.84
N ASN B 177 -6.50 0.62 -4.72
CA ASN B 177 -7.94 0.61 -4.43
C ASN B 177 -8.30 1.39 -3.16
N LEU B 178 -7.61 2.50 -2.92
CA LEU B 178 -7.87 3.27 -1.70
C LEU B 178 -9.17 4.04 -1.81
N ASP B 179 -9.90 4.09 -0.71
CA ASP B 179 -11.22 4.70 -0.70
C ASP B 179 -11.08 6.13 -0.20
N VAL B 180 -10.46 6.97 -1.02
CA VAL B 180 -10.28 8.38 -0.67
C VAL B 180 -10.34 9.15 -1.97
N ALA B 181 -10.88 10.36 -1.90
CA ALA B 181 -10.88 11.24 -3.05
C ALA B 181 -9.63 12.11 -2.97
N VAL B 182 -8.91 12.19 -4.08
CA VAL B 182 -7.71 13.03 -4.15
C VAL B 182 -8.13 14.36 -4.78
N VAL B 183 -7.85 15.46 -4.08
CA VAL B 183 -8.25 16.77 -4.57
C VAL B 183 -7.01 17.58 -4.84
N GLY B 184 -6.84 17.98 -6.10
CA GLY B 184 -5.75 18.87 -6.49
C GLY B 184 -6.20 20.31 -6.29
N VAL B 185 -5.34 21.13 -5.69
CA VAL B 185 -5.71 22.52 -5.38
C VAL B 185 -4.78 23.44 -6.19
N PRO B 186 -5.36 24.42 -6.90
CA PRO B 186 -4.53 25.29 -7.78
C PRO B 186 -3.37 25.97 -7.04
N THR B 187 -2.28 26.15 -7.76
CA THR B 187 -1.08 26.74 -7.20
C THR B 187 -1.35 28.20 -6.81
N VAL B 188 -0.92 28.56 -5.60
CA VAL B 188 -1.02 29.90 -5.09
C VAL B 188 0.28 30.57 -5.49
N ARG B 189 0.13 31.80 -5.99
CA ARG B 189 1.26 32.52 -6.58
C ARG B 189 1.43 33.88 -5.93
N GLU B 190 2.67 34.35 -5.97
CA GLU B 190 2.97 35.73 -5.60
CA GLU B 190 2.94 35.71 -5.56
C GLU B 190 2.35 36.67 -6.61
N ALA B 191 2.40 37.98 -6.32
CA ALA B 191 1.75 38.96 -7.18
C ALA B 191 2.23 38.91 -8.64
N ASP B 192 3.50 38.60 -8.84
CA ASP B 192 4.04 38.57 -10.22
C ASP B 192 3.93 37.21 -10.91
N GLY B 193 3.29 36.26 -10.25
CA GLY B 193 3.05 34.94 -10.82
C GLY B 193 3.95 33.83 -10.27
N LEU B 194 5.01 34.19 -9.56
CA LEU B 194 5.93 33.18 -9.05
C LEU B 194 5.20 32.24 -8.10
N ALA B 195 5.31 30.95 -8.36
CA ALA B 195 4.61 29.97 -7.53
C ALA B 195 5.16 30.07 -6.09
N MET B 196 4.27 30.08 -5.09
CA MET B 196 4.77 30.15 -3.70
C MET B 196 5.51 28.89 -3.29
N SER B 197 6.66 29.08 -2.67
CA SER B 197 7.49 28.00 -2.20
C SER B 197 8.36 28.57 -1.09
N SER B 198 8.62 27.77 -0.06
CA SER B 198 9.45 28.24 1.04
C SER B 198 10.86 28.56 0.53
N ARG B 199 11.29 27.87 -0.52
CA ARG B 199 12.61 28.13 -1.17
C ARG B 199 12.79 29.51 -1.78
N ASN B 200 11.67 30.19 -2.07
CA ASN B 200 11.74 31.50 -2.72
C ASN B 200 12.55 32.51 -1.92
N ARG B 201 12.49 32.36 -0.60
CA ARG B 201 13.22 33.20 0.37
C ARG B 201 14.73 33.22 0.15
N TYR B 202 15.28 32.15 -0.44
CA TYR B 202 16.73 32.06 -0.67
C TYR B 202 17.19 32.85 -1.88
N LEU B 203 16.25 33.22 -2.74
CA LEU B 203 16.61 33.95 -3.96
C LEU B 203 17.07 35.34 -3.66
N ASP B 204 18.21 35.70 -4.22
CA ASP B 204 18.65 37.08 -4.10
C ASP B 204 17.86 37.97 -5.08
N PRO B 205 17.97 39.31 -4.99
CA PRO B 205 17.11 40.14 -5.83
C PRO B 205 17.16 39.84 -7.35
N ALA B 206 18.36 39.62 -7.88
CA ALA B 206 18.53 39.30 -9.29
C ALA B 206 17.85 37.97 -9.62
N GLN B 207 18.07 36.99 -8.75
CA GLN B 207 17.45 35.67 -8.91
C GLN B 207 15.94 35.74 -8.74
N ARG B 208 15.48 36.53 -7.76
CA ARG B 208 14.03 36.67 -7.58
C ARG B 208 13.37 37.32 -8.79
N ALA B 209 14.06 38.27 -9.40
CA ALA B 209 13.55 38.91 -10.61
C ALA B 209 13.51 37.93 -11.78
N ALA B 210 14.59 37.18 -11.93
CA ALA B 210 14.69 36.20 -13.04
C ALA B 210 13.69 35.05 -12.89
N ALA B 211 13.36 34.71 -11.64
CA ALA B 211 12.46 33.55 -11.34
C ALA B 211 11.06 33.69 -11.92
N VAL B 212 10.66 34.93 -12.17
CA VAL B 212 9.36 35.24 -12.78
C VAL B 212 9.27 34.57 -14.15
N ALA B 213 10.42 34.28 -14.75
CA ALA B 213 10.39 33.67 -16.10
C ALA B 213 9.70 32.31 -16.12
N LEU B 214 9.73 31.56 -15.02
CA LEU B 214 9.05 30.25 -15.04
C LEU B 214 7.55 30.41 -15.30
N SER B 215 6.88 31.20 -14.47
CA SER B 215 5.45 31.39 -14.60
C SER B 215 5.11 32.14 -15.87
N ALA B 216 5.93 33.13 -16.21
CA ALA B 216 5.68 33.92 -17.43
C ALA B 216 5.79 33.01 -18.65
N ALA B 217 6.76 32.11 -18.65
CA ALA B 217 6.94 31.18 -19.76
C ALA B 217 5.74 30.26 -19.89
N LEU B 218 5.26 29.78 -18.74
CA LEU B 218 4.09 28.86 -18.73
C LEU B 218 2.79 29.53 -19.19
N THR B 219 2.50 30.73 -18.69
CA THR B 219 1.31 31.47 -19.09
C THR B 219 1.37 31.92 -20.56
N ALA B 220 2.56 32.33 -21.03
CA ALA B 220 2.77 32.60 -22.45
C ALA B 220 2.42 31.35 -23.27
N ALA B 221 2.93 30.19 -22.83
CA ALA B 221 2.70 28.94 -23.54
C ALA B 221 1.21 28.61 -23.58
N ALA B 222 0.52 28.81 -22.45
CA ALA B 222 -0.91 28.46 -22.36
C ALA B 222 -1.73 29.28 -23.37
N HIS B 223 -1.33 30.54 -23.57
CA HIS B 223 -2.01 31.41 -24.54
C HIS B 223 -1.55 31.21 -25.98
N ALA B 224 -0.28 30.83 -26.15
CA ALA B 224 0.24 30.53 -27.46
C ALA B 224 -0.38 29.26 -28.04
N ALA B 225 -0.96 28.43 -27.15
CA ALA B 225 -1.38 27.05 -27.51
C ALA B 225 -2.49 26.98 -28.55
N THR B 226 -3.24 28.07 -28.72
CA THR B 226 -4.20 28.16 -29.85
C THR B 226 -3.51 27.91 -31.19
N ALA B 227 -2.21 28.19 -31.27
CA ALA B 227 -1.40 27.99 -32.47
C ALA B 227 -0.69 26.63 -32.52
N GLY B 228 -0.96 25.79 -31.52
CA GLY B 228 -0.50 24.41 -31.48
C GLY B 228 0.59 24.16 -30.47
N ALA B 229 0.96 22.89 -30.33
CA ALA B 229 1.89 22.47 -29.28
C ALA B 229 3.30 23.03 -29.45
N GLN B 230 3.78 23.06 -30.69
CA GLN B 230 5.12 23.59 -30.93
C GLN B 230 5.19 25.09 -30.62
N ALA B 231 4.14 25.83 -31.00
CA ALA B 231 4.07 27.27 -30.66
C ALA B 231 4.12 27.49 -29.15
N ALA B 232 3.44 26.63 -28.41
CA ALA B 232 3.34 26.75 -26.97
C ALA B 232 4.72 26.49 -26.40
N LEU B 233 5.35 25.40 -26.82
CA LEU B 233 6.73 25.09 -26.33
C LEU B 233 7.74 26.16 -26.71
N ASP B 234 7.66 26.64 -27.96
CA ASP B 234 8.59 27.67 -28.43
C ASP B 234 8.41 28.99 -27.69
N ALA B 235 7.16 29.36 -27.39
CA ALA B 235 6.89 30.57 -26.59
C ALA B 235 7.51 30.44 -25.20
N ALA B 236 7.29 29.30 -24.54
CA ALA B 236 7.84 29.11 -23.20
C ALA B 236 9.35 29.17 -23.24
N ARG B 237 9.95 28.52 -24.24
CA ARG B 237 11.41 28.47 -24.29
C ARG B 237 11.99 29.88 -24.52
N ALA B 238 11.31 30.68 -25.33
CA ALA B 238 11.74 32.07 -25.59
C ALA B 238 11.78 32.90 -24.30
N VAL B 239 10.73 32.77 -23.50
CA VAL B 239 10.66 33.47 -22.21
C VAL B 239 11.80 33.04 -21.28
N LEU B 240 12.03 31.74 -21.17
CA LEU B 240 13.14 31.22 -20.35
C LEU B 240 14.47 31.68 -20.92
N ASP B 241 14.59 31.68 -22.24
CA ASP B 241 15.82 32.21 -22.90
C ASP B 241 16.11 33.68 -22.66
N ALA B 242 15.10 34.46 -22.27
CA ALA B 242 15.27 35.89 -21.98
C ALA B 242 15.74 36.17 -20.55
N ALA B 243 15.88 35.11 -19.74
CA ALA B 243 16.21 35.22 -18.29
C ALA B 243 17.65 34.82 -18.07
N PRO B 244 18.40 35.65 -17.30
CA PRO B 244 19.76 35.27 -16.98
C PRO B 244 19.77 34.37 -15.72
N GLY B 245 20.75 33.47 -15.66
CA GLY B 245 21.01 32.65 -14.48
C GLY B 245 19.88 31.69 -14.17
N VAL B 246 19.16 31.29 -15.21
CA VAL B 246 18.08 30.33 -15.04
C VAL B 246 18.42 29.07 -15.82
N ALA B 247 18.87 28.05 -15.10
CA ALA B 247 19.33 26.81 -15.73
C ALA B 247 18.15 25.85 -15.83
N VAL B 248 17.63 25.70 -17.05
CA VAL B 248 16.43 24.87 -17.22
C VAL B 248 16.77 23.38 -17.16
N ASP B 249 16.22 22.68 -16.17
CA ASP B 249 16.42 21.23 -16.09
C ASP B 249 15.51 20.44 -17.02
N TYR B 250 14.26 20.85 -17.11
CA TYR B 250 13.36 20.34 -18.16
C TYR B 250 12.25 21.31 -18.48
N LEU B 251 11.67 21.14 -19.66
CA LEU B 251 10.48 21.90 -20.05
C LEU B 251 9.71 20.93 -20.95
N GLU B 252 8.64 20.37 -20.40
CA GLU B 252 8.00 19.23 -21.07
C GLU B 252 6.51 19.37 -21.13
N LEU B 253 5.96 19.12 -22.30
CA LEU B 253 4.51 19.12 -22.44
C LEU B 253 4.06 17.66 -22.46
N ARG B 254 3.14 17.32 -21.58
CA ARG B 254 2.63 15.94 -21.46
C ARG B 254 1.11 15.94 -21.43
N ASP B 255 0.47 14.78 -21.50
CA ASP B 255 -0.96 14.77 -21.27
C ASP B 255 -1.23 14.96 -19.79
N ILE B 256 -2.49 15.07 -19.40
CA ILE B 256 -2.80 15.45 -18.03
C ILE B 256 -2.39 14.39 -17.00
N GLY B 257 -2.23 13.13 -17.45
CA GLY B 257 -1.74 12.05 -16.57
C GLY B 257 -0.24 11.84 -16.72
N LEU B 258 0.40 12.77 -17.45
CA LEU B 258 1.86 12.80 -17.67
C LEU B 258 2.39 11.72 -18.62
N GLY B 259 1.48 11.13 -19.39
CA GLY B 259 1.89 10.36 -20.54
C GLY B 259 2.28 11.29 -21.68
N PRO B 260 2.57 10.74 -22.86
CA PRO B 260 2.88 11.56 -24.02
C PRO B 260 1.71 12.49 -24.39
N MET B 261 2.06 13.69 -24.83
CA MET B 261 1.04 14.63 -25.26
C MET B 261 0.31 14.10 -26.49
N PRO B 262 -1.04 14.07 -26.45
CA PRO B 262 -1.82 13.73 -27.64
C PRO B 262 -1.75 14.88 -28.66
N LEU B 263 -2.13 14.61 -29.90
CA LEU B 263 -2.06 15.62 -30.97
C LEU B 263 -2.84 16.90 -30.64
N ASN B 264 -4.01 16.74 -30.02
CA ASN B 264 -4.80 17.85 -29.53
C ASN B 264 -5.37 17.53 -28.15
N GLY B 265 -6.15 18.43 -27.58
CA GLY B 265 -6.76 18.18 -26.28
C GLY B 265 -5.93 18.72 -25.14
N SER B 266 -6.20 18.19 -23.95
CA SER B 266 -5.68 18.74 -22.70
C SER B 266 -4.30 18.21 -22.39
N GLY B 267 -3.45 19.08 -21.85
CA GLY B 267 -2.11 18.67 -21.52
C GLY B 267 -1.64 19.48 -20.33
N ARG B 268 -0.39 19.25 -19.97
CA ARG B 268 0.22 19.98 -18.86
C ARG B 268 1.60 20.29 -19.28
N LEU B 269 2.01 21.53 -19.04
CA LEU B 269 3.38 21.95 -19.35
C LEU B 269 4.11 22.14 -18.03
N LEU B 270 5.23 21.44 -17.88
CA LEU B 270 6.00 21.45 -16.64
C LEU B 270 7.42 21.96 -16.88
N VAL B 271 7.92 22.74 -15.93
CA VAL B 271 9.27 23.27 -16.05
C VAL B 271 9.95 23.10 -14.68
N ALA B 272 11.27 22.91 -14.71
CA ALA B 272 12.08 22.92 -13.51
C ALA B 272 13.35 23.64 -13.84
N ALA B 273 13.81 24.50 -12.93
CA ALA B 273 15.01 25.26 -13.23
C ALA B 273 15.78 25.55 -11.96
N ARG B 274 17.09 25.75 -12.12
CA ARG B 274 17.95 26.10 -10.99
C ARG B 274 18.39 27.54 -11.07
N LEU B 275 18.24 28.27 -9.98
CA LEU B 275 18.77 29.63 -9.92
C LEU B 275 19.76 29.56 -8.79
N GLY B 276 21.05 29.53 -9.14
CA GLY B 276 22.08 29.29 -8.13
C GLY B 276 21.83 27.89 -7.61
N THR B 277 21.68 27.76 -6.30
CA THR B 277 21.48 26.44 -5.71
C THR B 277 20.00 26.15 -5.44
N THR B 278 19.14 27.08 -5.87
CA THR B 278 17.69 27.01 -5.56
C THR B 278 16.98 26.41 -6.79
N ARG B 279 16.36 25.24 -6.62
CA ARG B 279 15.62 24.57 -7.68
C ARG B 279 14.13 24.90 -7.56
N LEU B 280 13.56 25.43 -8.64
CA LEU B 280 12.18 25.88 -8.65
C LEU B 280 11.40 25.01 -9.65
N LEU B 281 10.11 24.77 -9.37
CA LEU B 281 9.24 24.03 -10.29
C LEU B 281 7.99 24.86 -10.54
N ASP B 282 7.39 24.68 -11.71
CA ASP B 282 6.06 25.22 -11.94
C ASP B 282 5.46 24.37 -13.06
N ASN B 283 4.15 24.53 -13.26
CA ASN B 283 3.43 23.79 -14.32
C ASN B 283 2.09 24.46 -14.56
N ILE B 284 1.50 24.19 -15.72
CA ILE B 284 0.26 24.86 -16.08
C ILE B 284 -0.56 23.96 -16.99
N ALA B 285 -1.88 24.06 -16.88
CA ALA B 285 -2.80 23.45 -17.83
C ALA B 285 -2.59 24.02 -19.22
N ILE B 286 -2.64 23.15 -20.22
CA ILE B 286 -2.48 23.57 -21.61
C ILE B 286 -3.62 22.90 -22.39
N GLU B 287 -4.24 23.64 -23.30
CA GLU B 287 -5.27 23.05 -24.16
C GLU B 287 -4.76 23.27 -25.56
N ILE B 288 -4.51 22.19 -26.29
CA ILE B 288 -3.77 22.28 -27.55
C ILE B 288 -4.68 22.55 -28.73
N GLY B 289 -4.52 23.76 -29.31
CA GLY B 289 -5.30 24.22 -30.44
C GLY B 289 -6.66 24.80 -30.07
#